data_1P91
#
_entry.id   1P91
#
_cell.length_a   107.187
_cell.length_b   122.279
_cell.length_c   143.138
_cell.angle_alpha   90.00
_cell.angle_beta   90.00
_cell.angle_gamma   90.00
#
_symmetry.space_group_name_H-M   'I 2 2 2'
#
loop_
_entity.id
_entity.type
_entity.pdbx_description
1 polymer 'Ribosomal RNA large subunit methyltransferase A'
2 non-polymer 'ZINC ION'
3 non-polymer 'SULFATE ION'
4 non-polymer S-ADENOSYLMETHIONINE
5 water water
#
_entity_poly.entity_id   1
_entity_poly.type   'polypeptide(L)'
_entity_poly.pdbx_seq_one_letter_code
;MSFSCPLCHQPLSREKNSYICPQRHQFD(MSE)AKEGYVNLLPVQHKRSRDPGDSAE(MSE)(MSE)QARRAFLDAGHYQ
PLRDAIVAQLRERLDDKATAVLDIGCGEGYYTHAFADALPEITTFGLDVSKVAIKAAAKRYPQVTFCVASSHRLPFSDTS
(MSE)DAIIRIYAPCKAEELARVVKPGGWVITATPGPRHL(MSE)ELKGLIYNEVHLHAPHAEQLEGFTLQQSAELCYP
(MSE)RLRGDEAVALLQ(MSE)TPFAWRAKPEVWQTLAAKEVFDCQTDFNIHLWQRSY
;
_entity_poly.pdbx_strand_id   A,B
#
# COMPACT_ATOMS: atom_id res chain seq x y z
N SER A 2 -25.31 15.43 -4.55
CA SER A 2 -25.34 16.02 -3.18
C SER A 2 -23.96 15.88 -2.60
N PHE A 3 -22.94 15.93 -3.45
CA PHE A 3 -21.57 15.79 -2.98
C PHE A 3 -21.13 16.93 -2.07
N SER A 4 -19.96 16.76 -1.45
CA SER A 4 -19.42 17.79 -0.60
C SER A 4 -18.12 18.19 -1.28
N CYS A 5 -17.57 19.34 -0.93
CA CYS A 5 -16.33 19.74 -1.58
C CYS A 5 -15.17 18.98 -0.99
N PRO A 6 -14.36 18.34 -1.84
CA PRO A 6 -13.22 17.60 -1.32
C PRO A 6 -12.37 18.56 -0.51
N LEU A 7 -12.48 19.85 -0.83
CA LEU A 7 -11.71 20.88 -0.15
C LEU A 7 -12.36 21.73 0.95
N CYS A 8 -13.51 22.37 0.66
CA CYS A 8 -14.14 23.18 1.70
C CYS A 8 -15.28 22.43 2.37
N HIS A 9 -15.55 21.24 1.87
CA HIS A 9 -16.61 20.41 2.42
C HIS A 9 -17.98 21.07 2.41
N GLN A 10 -18.27 21.85 1.38
CA GLN A 10 -19.57 22.49 1.27
C GLN A 10 -20.28 21.90 0.09
N PRO A 11 -21.60 21.98 0.06
CA PRO A 11 -22.39 21.43 -1.03
C PRO A 11 -21.86 21.67 -2.42
N LEU A 12 -21.77 20.62 -3.22
CA LEU A 12 -21.30 20.78 -4.58
C LEU A 12 -22.51 20.98 -5.50
N SER A 13 -22.70 22.21 -5.94
CA SER A 13 -23.77 22.56 -6.84
C SER A 13 -23.28 22.20 -8.24
N ARG A 14 -24.16 21.69 -9.09
CA ARG A 14 -23.74 21.29 -10.43
C ARG A 14 -24.19 22.17 -11.58
N GLU A 15 -23.29 22.48 -12.51
CA GLU A 15 -23.59 23.29 -13.70
C GLU A 15 -23.18 22.47 -14.92
N LYS A 16 -24.19 22.06 -15.68
CA LYS A 16 -24.02 21.21 -16.85
C LYS A 16 -23.22 19.96 -16.48
N ASN A 17 -21.90 20.00 -16.65
CA ASN A 17 -21.07 18.85 -16.32
C ASN A 17 -19.91 19.17 -15.42
N SER A 18 -20.13 20.11 -14.53
CA SER A 18 -19.11 20.49 -13.58
C SER A 18 -19.77 20.65 -12.22
N TYR A 19 -19.00 20.43 -11.16
CA TYR A 19 -19.52 20.60 -9.82
C TYR A 19 -18.77 21.79 -9.26
N ILE A 20 -19.50 22.72 -8.68
CA ILE A 20 -18.89 23.92 -8.13
C ILE A 20 -19.37 24.12 -6.74
N CYS A 21 -18.50 24.50 -5.84
CA CYS A 21 -18.97 24.77 -4.49
C CYS A 21 -18.98 26.29 -4.19
N PRO A 22 -19.64 26.69 -3.10
CA PRO A 22 -19.70 28.09 -2.74
C PRO A 22 -18.42 28.86 -2.88
N GLN A 23 -17.28 28.22 -2.60
CA GLN A 23 -16.02 28.93 -2.69
C GLN A 23 -15.24 28.68 -3.96
N ARG A 24 -15.99 28.56 -5.05
CA ARG A 24 -15.44 28.39 -6.39
C ARG A 24 -14.42 27.30 -6.57
N HIS A 25 -14.83 26.08 -6.23
CA HIS A 25 -14.00 24.90 -6.39
C HIS A 25 -14.80 24.15 -7.45
N GLN A 26 -14.17 23.89 -8.59
CA GLN A 26 -14.86 23.23 -9.67
C GLN A 26 -14.27 21.87 -9.99
N PHE A 27 -15.14 20.89 -10.17
CA PHE A 27 -14.66 19.55 -10.50
C PHE A 27 -15.43 19.13 -11.74
N ASP A 28 -14.70 18.85 -12.81
CA ASP A 28 -15.32 18.44 -14.05
C ASP A 28 -15.49 16.95 -14.14
N ALA A 30 -15.22 13.52 -16.20
CA ALA A 30 -14.47 12.92 -17.30
C ALA A 30 -15.45 12.50 -18.37
N LYS A 31 -14.96 12.34 -19.60
CA LYS A 31 -15.81 12.00 -20.73
C LYS A 31 -16.71 10.81 -20.47
N GLU A 32 -16.24 9.85 -19.70
CA GLU A 32 -17.01 8.64 -19.37
C GLU A 32 -18.19 8.87 -18.41
N GLY A 33 -18.05 9.82 -17.49
CA GLY A 33 -19.13 10.10 -16.57
C GLY A 33 -18.82 10.17 -15.09
N TYR A 34 -17.60 9.85 -14.67
CA TYR A 34 -17.33 9.91 -13.25
C TYR A 34 -16.96 11.29 -12.80
N VAL A 35 -16.68 11.43 -11.52
CA VAL A 35 -16.34 12.72 -10.97
C VAL A 35 -15.09 12.55 -10.18
N ASN A 36 -13.95 13.02 -10.69
CA ASN A 36 -12.76 12.84 -9.88
C ASN A 36 -12.92 13.80 -8.75
N LEU A 37 -12.48 13.43 -7.56
CA LEU A 37 -12.63 14.31 -6.41
C LEU A 37 -11.40 14.27 -5.52
N LEU A 38 -10.31 13.78 -6.07
CA LEU A 38 -9.07 13.68 -5.29
C LEU A 38 -8.25 14.96 -5.42
N PRO A 39 -7.09 15.04 -4.72
CA PRO A 39 -6.25 16.23 -4.83
C PRO A 39 -5.71 16.25 -6.26
N VAL A 40 -4.66 17.02 -6.48
CA VAL A 40 -4.10 17.13 -7.82
C VAL A 40 -2.87 16.24 -8.11
N GLN A 41 -1.99 16.04 -7.12
CA GLN A 41 -0.78 15.26 -7.38
C GLN A 41 -0.13 14.57 -6.17
N HIS A 42 -0.90 13.79 -5.42
CA HIS A 42 -0.28 13.11 -4.29
C HIS A 42 -0.60 11.61 -4.13
N LYS A 43 0.47 10.82 -4.06
CA LYS A 43 0.37 9.37 -3.91
C LYS A 43 -0.39 8.74 -5.07
N ARG A 44 -0.86 9.57 -6.00
CA ARG A 44 -1.55 9.05 -7.18
C ARG A 44 -0.48 8.14 -7.77
N SER A 45 0.75 8.64 -7.74
CA SER A 45 1.95 7.91 -8.16
C SER A 45 2.00 6.77 -7.14
N ARG A 46 2.11 5.53 -7.62
CA ARG A 46 2.07 4.46 -6.66
C ARG A 46 2.92 3.23 -6.69
N ASP A 47 2.44 2.33 -5.83
CA ASP A 47 2.99 0.97 -5.65
C ASP A 47 1.65 0.18 -5.73
N PRO A 48 1.00 0.15 -6.96
CA PRO A 48 -0.31 -0.53 -7.17
C PRO A 48 -0.72 -1.83 -6.51
N GLY A 49 -0.69 -2.85 -7.33
CA GLY A 49 -1.05 -4.18 -6.89
C GLY A 49 -2.39 -4.29 -7.54
N ASP A 50 -3.02 -3.11 -7.64
CA ASP A 50 -4.32 -2.94 -8.24
C ASP A 50 -4.31 -1.98 -9.44
N SER A 51 -3.49 -2.30 -10.44
CA SER A 51 -3.45 -1.47 -11.63
C SER A 51 -4.19 -2.22 -12.73
N ALA A 52 -4.57 -1.50 -13.78
CA ALA A 52 -5.32 -2.07 -14.90
C ALA A 52 -5.26 -3.59 -15.06
N GLU A 53 -4.06 -4.15 -15.09
CA GLU A 53 -3.90 -5.59 -15.26
C GLU A 53 -4.78 -6.40 -14.30
N GLN A 56 -8.64 -5.81 -14.30
CA GLN A 56 -9.26 -6.61 -15.35
C GLN A 56 -9.41 -8.04 -14.87
N ALA A 57 -8.59 -8.43 -13.89
CA ALA A 57 -8.66 -9.79 -13.34
C ALA A 57 -9.85 -9.87 -12.39
N ARG A 58 -9.75 -9.20 -11.23
CA ARG A 58 -10.86 -9.19 -10.28
C ARG A 58 -12.11 -9.17 -11.14
N ARG A 59 -12.11 -8.26 -12.11
CA ARG A 59 -13.24 -8.14 -13.00
C ARG A 59 -13.52 -9.44 -13.72
N ALA A 60 -12.63 -9.83 -14.61
CA ALA A 60 -12.84 -11.04 -15.37
C ALA A 60 -13.24 -12.22 -14.48
N PHE A 61 -12.72 -12.25 -13.24
CA PHE A 61 -13.05 -13.33 -12.30
C PHE A 61 -14.49 -13.25 -11.84
N LEU A 62 -14.89 -12.05 -11.43
CA LEU A 62 -16.23 -11.82 -10.96
C LEU A 62 -17.25 -11.99 -12.07
N ASP A 63 -16.85 -11.74 -13.31
CA ASP A 63 -17.78 -11.88 -14.43
C ASP A 63 -18.16 -13.32 -14.66
N ALA A 64 -17.49 -14.22 -13.94
CA ALA A 64 -17.81 -15.63 -14.02
C ALA A 64 -18.84 -15.86 -12.93
N GLY A 65 -19.18 -14.77 -12.25
CA GLY A 65 -20.17 -14.79 -11.18
C GLY A 65 -19.94 -15.67 -9.98
N HIS A 66 -18.73 -16.20 -9.84
CA HIS A 66 -18.43 -17.05 -8.70
C HIS A 66 -18.94 -16.38 -7.44
N TYR A 67 -18.93 -15.05 -7.42
CA TYR A 67 -19.38 -14.36 -6.24
C TYR A 67 -20.79 -13.81 -6.25
N GLN A 68 -21.46 -13.98 -7.39
CA GLN A 68 -22.83 -13.53 -7.55
C GLN A 68 -23.70 -13.86 -6.33
N PRO A 69 -23.56 -15.06 -5.75
CA PRO A 69 -24.41 -15.33 -4.60
C PRO A 69 -24.38 -14.18 -3.61
N LEU A 70 -23.18 -13.67 -3.33
CA LEU A 70 -23.04 -12.55 -2.40
C LEU A 70 -23.77 -11.31 -2.89
N ARG A 71 -23.66 -11.04 -4.17
CA ARG A 71 -24.35 -9.89 -4.73
C ARG A 71 -25.84 -10.16 -4.53
N ASP A 72 -26.33 -11.24 -5.09
CA ASP A 72 -27.73 -11.56 -4.91
C ASP A 72 -28.16 -11.28 -3.48
N ALA A 73 -27.43 -11.82 -2.52
CA ALA A 73 -27.77 -11.62 -1.12
C ALA A 73 -27.95 -10.13 -0.73
N ILE A 74 -27.00 -9.28 -1.09
CA ILE A 74 -27.12 -7.88 -0.76
C ILE A 74 -28.32 -7.27 -1.52
N VAL A 75 -28.35 -7.46 -2.84
CA VAL A 75 -29.42 -6.94 -3.67
C VAL A 75 -30.78 -7.23 -3.05
N ALA A 76 -31.02 -8.47 -2.69
CA ALA A 76 -32.30 -8.77 -2.07
C ALA A 76 -32.38 -8.06 -0.71
N GLN A 77 -31.29 -8.09 0.04
CA GLN A 77 -31.24 -7.44 1.35
C GLN A 77 -31.80 -6.01 1.22
N LEU A 78 -31.37 -5.29 0.19
CA LEU A 78 -31.81 -3.91 -0.06
C LEU A 78 -33.23 -3.94 -0.59
N ARG A 79 -33.47 -4.72 -1.64
CA ARG A 79 -34.81 -4.74 -2.22
C ARG A 79 -35.90 -4.78 -1.14
N GLU A 80 -35.50 -5.17 0.05
CA GLU A 80 -36.40 -5.31 1.20
C GLU A 80 -36.40 -4.13 2.18
N ARG A 81 -35.28 -3.81 2.82
CA ARG A 81 -35.20 -2.72 3.81
C ARG A 81 -35.61 -1.33 3.35
N LEU A 82 -35.18 -0.95 2.15
CA LEU A 82 -35.52 0.38 1.61
C LEU A 82 -36.97 0.41 1.16
N ASP A 83 -37.65 1.47 1.59
CA ASP A 83 -39.05 1.66 1.21
C ASP A 83 -39.10 2.51 -0.04
N ASP A 84 -40.29 2.93 -0.35
CA ASP A 84 -40.56 3.67 -1.56
C ASP A 84 -40.25 5.16 -1.47
N LYS A 85 -39.74 5.59 -0.33
CA LYS A 85 -39.38 6.98 -0.08
C LYS A 85 -37.86 7.15 -0.14
N ALA A 86 -37.20 6.21 -0.80
CA ALA A 86 -35.75 6.26 -0.89
C ALA A 86 -35.34 7.08 -2.08
N THR A 87 -34.30 7.87 -1.89
CA THR A 87 -33.79 8.71 -2.96
C THR A 87 -32.51 8.12 -3.52
N ALA A 88 -31.55 7.82 -2.64
CA ALA A 88 -30.29 7.25 -3.09
C ALA A 88 -29.52 6.43 -2.08
N VAL A 89 -28.76 5.49 -2.62
CA VAL A 89 -27.90 4.58 -1.88
C VAL A 89 -26.47 4.88 -2.37
N LEU A 90 -25.49 4.39 -1.63
CA LEU A 90 -24.08 4.59 -1.97
C LEU A 90 -23.34 3.28 -1.74
N ASP A 91 -22.36 3.02 -2.59
CA ASP A 91 -21.58 1.82 -2.53
C ASP A 91 -20.11 2.18 -2.27
N ILE A 92 -19.69 2.25 -1.01
CA ILE A 92 -18.29 2.54 -0.71
C ILE A 92 -17.42 1.41 -1.22
N GLY A 93 -16.32 1.71 -1.92
CA GLY A 93 -15.43 0.68 -2.43
C GLY A 93 -16.00 -0.03 -3.66
N CYS A 94 -16.68 0.73 -4.51
CA CYS A 94 -17.36 0.15 -5.67
C CYS A 94 -16.47 -0.31 -6.82
N GLY A 95 -15.20 -0.50 -6.57
CA GLY A 95 -14.29 -0.98 -7.60
C GLY A 95 -14.78 -0.62 -9.02
N GLU A 96 -14.74 -1.60 -9.92
CA GLU A 96 -15.22 -1.35 -11.27
C GLU A 96 -16.71 -1.56 -11.31
N GLY A 97 -17.33 -1.60 -10.17
CA GLY A 97 -18.77 -1.73 -10.07
C GLY A 97 -19.42 -3.07 -10.50
N TYR A 98 -18.82 -4.19 -10.15
CA TYR A 98 -19.41 -5.47 -10.49
C TYR A 98 -20.69 -5.60 -9.67
N TYR A 99 -20.58 -5.28 -8.38
CA TYR A 99 -21.70 -5.39 -7.46
C TYR A 99 -22.70 -4.26 -7.56
N THR A 100 -22.21 -3.02 -7.62
CA THR A 100 -23.05 -1.82 -7.66
C THR A 100 -24.07 -1.79 -8.78
N HIS A 101 -23.64 -2.00 -10.01
CA HIS A 101 -24.61 -1.94 -11.08
C HIS A 101 -25.82 -2.85 -10.88
N ALA A 102 -25.67 -3.90 -10.06
CA ALA A 102 -26.79 -4.81 -9.78
C ALA A 102 -27.72 -4.15 -8.77
N PHE A 103 -27.12 -3.41 -7.84
CA PHE A 103 -27.91 -2.74 -6.83
C PHE A 103 -28.76 -1.72 -7.57
N ALA A 104 -28.13 -0.96 -8.47
CA ALA A 104 -28.84 0.05 -9.22
C ALA A 104 -29.97 -0.59 -10.02
N ASP A 105 -29.63 -1.55 -10.86
CA ASP A 105 -30.65 -2.23 -11.66
C ASP A 105 -31.79 -2.77 -10.82
N ALA A 106 -31.55 -2.86 -9.51
CA ALA A 106 -32.55 -3.38 -8.57
C ALA A 106 -33.21 -2.28 -7.71
N LEU A 107 -32.85 -1.04 -7.99
CA LEU A 107 -33.40 0.12 -7.28
C LEU A 107 -33.50 1.25 -8.29
N PRO A 108 -34.34 1.08 -9.32
CA PRO A 108 -34.56 2.07 -10.38
C PRO A 108 -34.96 3.46 -9.88
N GLU A 109 -36.00 3.54 -9.05
CA GLU A 109 -36.43 4.84 -8.58
C GLU A 109 -35.38 5.61 -7.84
N ILE A 110 -34.28 4.95 -7.48
CA ILE A 110 -33.26 5.68 -6.74
C ILE A 110 -31.94 5.78 -7.44
N THR A 111 -31.18 6.77 -7.00
CA THR A 111 -29.86 7.06 -7.54
C THR A 111 -28.85 6.15 -6.85
N THR A 112 -27.97 5.55 -7.63
CA THR A 112 -26.95 4.68 -7.08
C THR A 112 -25.58 5.34 -7.24
N PHE A 113 -24.84 5.44 -6.15
CA PHE A 113 -23.51 6.01 -6.25
C PHE A 113 -22.46 4.98 -5.94
N GLY A 114 -21.40 4.99 -6.72
CA GLY A 114 -20.32 4.07 -6.50
C GLY A 114 -19.04 4.85 -6.31
N LEU A 115 -18.60 4.99 -5.05
CA LEU A 115 -17.36 5.68 -4.71
C LEU A 115 -16.24 4.65 -4.61
N ASP A 116 -15.07 4.97 -5.14
CA ASP A 116 -13.88 4.11 -5.04
C ASP A 116 -12.67 5.02 -5.15
N VAL A 117 -11.46 4.54 -4.86
CA VAL A 117 -10.32 5.45 -5.00
C VAL A 117 -9.45 5.10 -6.18
N SER A 118 -9.85 4.07 -6.91
CA SER A 118 -9.10 3.68 -8.08
C SER A 118 -9.61 4.35 -9.33
N LYS A 119 -8.89 5.38 -9.76
CA LYS A 119 -9.21 6.11 -10.96
C LYS A 119 -9.38 5.14 -12.11
N VAL A 120 -8.46 4.18 -12.22
CA VAL A 120 -8.51 3.21 -13.30
C VAL A 120 -9.77 2.36 -13.18
N ALA A 121 -10.14 2.08 -11.93
CA ALA A 121 -11.32 1.27 -11.66
C ALA A 121 -12.57 2.03 -12.01
N ILE A 122 -12.69 3.23 -11.47
CA ILE A 122 -13.86 4.05 -11.71
C ILE A 122 -14.08 4.30 -13.18
N LYS A 123 -13.00 4.57 -13.88
CA LYS A 123 -13.08 4.84 -15.31
C LYS A 123 -13.74 3.67 -16.01
N ALA A 124 -13.26 2.47 -15.67
CA ALA A 124 -13.75 1.24 -16.25
C ALA A 124 -15.23 1.04 -15.92
N ALA A 125 -15.57 1.27 -14.65
CA ALA A 125 -16.94 1.14 -14.18
C ALA A 125 -17.85 2.09 -14.96
N ALA A 126 -17.60 3.38 -14.77
CA ALA A 126 -18.35 4.45 -15.39
C ALA A 126 -18.57 4.28 -16.88
N LYS A 127 -17.61 3.68 -17.55
CA LYS A 127 -17.72 3.48 -18.98
C LYS A 127 -18.67 2.33 -19.31
N ARG A 128 -18.62 1.29 -18.49
CA ARG A 128 -19.44 0.11 -18.70
C ARG A 128 -20.84 0.21 -18.13
N TYR A 129 -20.94 0.74 -16.91
CA TYR A 129 -22.22 0.87 -16.22
C TYR A 129 -22.73 2.33 -16.12
N PRO A 130 -23.62 2.73 -17.04
CA PRO A 130 -24.15 4.09 -17.03
C PRO A 130 -25.15 4.36 -15.89
N GLN A 131 -25.93 3.34 -15.52
CA GLN A 131 -26.92 3.52 -14.48
C GLN A 131 -26.37 3.87 -13.11
N VAL A 132 -25.08 4.11 -13.02
CA VAL A 132 -24.51 4.48 -11.73
C VAL A 132 -23.70 5.76 -11.85
N THR A 133 -23.85 6.61 -10.83
CA THR A 133 -23.09 7.85 -10.79
C THR A 133 -21.82 7.48 -10.06
N PHE A 134 -20.73 7.27 -10.79
CA PHE A 134 -19.49 6.89 -10.12
C PHE A 134 -18.67 8.11 -9.80
N CYS A 135 -18.10 8.12 -8.61
CA CYS A 135 -17.28 9.23 -8.22
C CYS A 135 -15.98 8.57 -7.78
N VAL A 136 -14.86 9.24 -7.97
CA VAL A 136 -13.52 8.73 -7.63
C VAL A 136 -12.85 9.48 -6.49
N ALA A 137 -12.82 8.95 -5.28
CA ALA A 137 -12.16 9.68 -4.21
C ALA A 137 -11.80 8.85 -3.01
N SER A 138 -11.03 9.45 -2.11
CA SER A 138 -10.67 8.76 -0.86
C SER A 138 -11.87 8.82 0.09
N SER A 139 -12.33 7.66 0.58
CA SER A 139 -13.48 7.62 1.50
C SER A 139 -13.10 7.81 2.99
N HIS A 140 -12.02 8.56 3.24
CA HIS A 140 -11.59 8.83 4.61
C HIS A 140 -12.55 9.86 5.17
N ARG A 141 -13.18 10.57 4.24
CA ARG A 141 -14.21 11.57 4.52
C ARG A 141 -15.07 11.42 3.27
N LEU A 142 -16.30 10.93 3.46
CA LEU A 142 -17.21 10.71 2.37
C LEU A 142 -17.55 12.01 1.62
N PRO A 143 -17.51 11.96 0.28
CA PRO A 143 -17.80 13.08 -0.62
C PRO A 143 -19.29 13.43 -0.66
N PHE A 144 -20.02 13.24 0.43
CA PHE A 144 -21.45 13.56 0.42
C PHE A 144 -21.95 14.39 1.60
N SER A 145 -23.02 15.13 1.35
CA SER A 145 -23.64 15.99 2.35
C SER A 145 -24.19 15.13 3.47
N ASP A 146 -24.19 15.69 4.68
CA ASP A 146 -24.69 14.95 5.84
C ASP A 146 -26.11 14.45 5.64
N THR A 147 -26.42 13.30 6.22
CA THR A 147 -27.80 12.82 6.10
C THR A 147 -28.31 12.85 4.67
N SER A 148 -27.52 12.36 3.74
CA SER A 148 -27.98 12.40 2.39
C SER A 148 -28.31 11.03 1.81
N ASP A 150 -29.76 6.93 2.04
CA ASP A 150 -30.76 6.00 2.59
C ASP A 150 -30.16 4.66 3.03
N ALA A 151 -29.05 4.29 2.41
CA ALA A 151 -28.33 3.07 2.72
C ALA A 151 -26.95 3.15 2.08
N ILE A 152 -25.99 2.49 2.70
CA ILE A 152 -24.65 2.46 2.19
C ILE A 152 -24.18 1.03 2.18
N ILE A 153 -23.69 0.56 1.03
CA ILE A 153 -23.20 -0.81 0.92
C ILE A 153 -21.69 -0.77 1.05
N ARG A 154 -21.15 -1.59 1.93
CA ARG A 154 -19.71 -1.66 2.19
C ARG A 154 -19.20 -3.05 1.93
N ILE A 155 -18.79 -3.37 0.72
CA ILE A 155 -18.32 -4.72 0.48
C ILE A 155 -16.82 -4.87 0.63
N TYR A 156 -16.42 -5.23 1.84
CA TYR A 156 -15.03 -5.42 2.19
C TYR A 156 -14.23 -4.11 2.16
N ALA A 157 -14.84 -2.98 1.83
CA ALA A 157 -14.08 -1.71 1.80
C ALA A 157 -14.23 -1.00 3.14
N PRO A 158 -13.12 -0.63 3.76
CA PRO A 158 -13.05 0.05 5.05
C PRO A 158 -13.68 1.40 5.14
N CYS A 159 -14.12 1.79 6.34
CA CYS A 159 -14.73 3.11 6.52
C CYS A 159 -14.90 3.45 7.99
N LYS A 160 -14.99 4.74 8.29
CA LYS A 160 -15.14 5.10 9.68
C LYS A 160 -16.58 5.17 10.13
N ALA A 161 -16.80 4.93 11.40
CA ALA A 161 -18.13 4.94 11.93
C ALA A 161 -18.78 6.29 11.82
N GLU A 162 -18.08 7.33 12.24
CA GLU A 162 -18.65 8.67 12.20
C GLU A 162 -19.23 9.03 10.84
N GLU A 163 -18.47 8.74 9.79
CA GLU A 163 -18.91 9.03 8.44
C GLU A 163 -20.19 8.29 8.12
N LEU A 164 -20.34 7.10 8.68
CA LEU A 164 -21.56 6.34 8.45
C LEU A 164 -22.70 7.11 9.10
N ALA A 165 -22.50 7.50 10.36
CA ALA A 165 -23.48 8.25 11.09
C ALA A 165 -23.82 9.58 10.41
N ARG A 166 -22.80 10.25 9.89
CA ARG A 166 -23.02 11.54 9.22
C ARG A 166 -23.86 11.41 7.97
N VAL A 167 -23.36 10.68 6.99
CA VAL A 167 -24.05 10.49 5.74
C VAL A 167 -25.37 9.72 5.72
N VAL A 168 -25.58 8.79 6.64
CA VAL A 168 -26.86 8.03 6.60
C VAL A 168 -28.03 8.68 7.33
N LYS A 169 -29.16 8.80 6.62
CA LYS A 169 -30.39 9.38 7.15
C LYS A 169 -30.79 8.56 8.38
N PRO A 170 -31.57 9.13 9.31
CA PRO A 170 -31.91 8.28 10.45
C PRO A 170 -32.96 7.27 9.99
N GLY A 171 -32.79 6.00 10.39
CA GLY A 171 -33.69 4.95 9.97
C GLY A 171 -33.14 4.26 8.73
N GLY A 172 -32.10 4.89 8.17
CA GLY A 172 -31.45 4.36 7.00
C GLY A 172 -30.68 3.11 7.30
N TRP A 173 -29.97 2.59 6.30
CA TRP A 173 -29.22 1.36 6.46
C TRP A 173 -27.75 1.38 6.12
N VAL A 174 -27.07 0.36 6.62
CA VAL A 174 -25.66 0.15 6.32
C VAL A 174 -25.62 -1.35 6.20
N ILE A 175 -25.01 -1.83 5.13
CA ILE A 175 -24.89 -3.26 4.88
C ILE A 175 -23.43 -3.53 4.66
N THR A 176 -22.84 -4.42 5.42
CA THR A 176 -21.42 -4.70 5.24
C THR A 176 -21.22 -6.17 5.01
N ALA A 177 -20.21 -6.51 4.22
CA ALA A 177 -19.92 -7.89 3.90
C ALA A 177 -18.42 -8.06 3.87
N THR A 178 -17.88 -8.98 4.67
CA THR A 178 -16.44 -9.25 4.67
C THR A 178 -16.28 -10.76 4.66
N PRO A 179 -15.03 -11.24 4.51
CA PRO A 179 -14.85 -12.68 4.51
C PRO A 179 -15.08 -13.26 5.92
N GLY A 180 -15.53 -14.51 5.95
CA GLY A 180 -15.79 -15.18 7.20
C GLY A 180 -14.56 -16.00 7.53
N PRO A 181 -14.57 -16.73 8.65
CA PRO A 181 -13.40 -17.53 9.00
C PRO A 181 -12.94 -18.53 7.94
N ARG A 182 -13.86 -19.34 7.45
CA ARG A 182 -13.53 -20.36 6.48
C ARG A 182 -13.37 -19.89 5.01
N HIS A 183 -13.42 -18.58 4.79
CA HIS A 183 -13.34 -18.09 3.43
C HIS A 183 -12.09 -18.43 2.67
N LEU A 184 -12.22 -19.34 1.73
CA LEU A 184 -11.10 -19.76 0.88
C LEU A 184 -10.03 -20.58 1.61
N GLU A 186 -9.29 -24.03 1.62
CA GLU A 186 -8.58 -24.92 0.71
C GLU A 186 -7.43 -24.26 -0.03
N LEU A 187 -7.63 -23.00 -0.43
CA LEU A 187 -6.59 -22.24 -1.11
C LEU A 187 -5.47 -21.98 -0.08
N LYS A 188 -5.82 -21.37 1.06
CA LYS A 188 -4.84 -21.09 2.14
C LYS A 188 -4.26 -22.40 2.62
N GLY A 189 -4.97 -23.48 2.29
CA GLY A 189 -4.55 -24.81 2.65
C GLY A 189 -3.43 -25.30 1.77
N LEU A 190 -3.22 -24.66 0.63
CA LEU A 190 -2.15 -25.09 -0.25
C LEU A 190 -0.86 -24.37 0.05
N ILE A 191 -0.88 -23.41 0.97
CA ILE A 191 0.35 -22.68 1.17
C ILE A 191 0.79 -22.45 2.58
N TYR A 192 -0.08 -22.74 3.54
CA TYR A 192 0.29 -22.49 4.92
C TYR A 192 0.66 -23.67 5.77
N ASN A 193 1.62 -23.41 6.66
CA ASN A 193 2.10 -24.42 7.60
C ASN A 193 0.85 -25.10 8.17
N GLU A 194 0.20 -24.42 9.11
CA GLU A 194 -1.02 -24.89 9.73
C GLU A 194 -1.99 -23.72 9.56
N VAL A 195 -3.09 -23.92 8.82
CA VAL A 195 -4.06 -22.85 8.59
C VAL A 195 -4.82 -22.36 9.83
N HIS A 196 -4.59 -21.11 10.20
CA HIS A 196 -5.27 -20.49 11.34
C HIS A 196 -6.44 -19.62 10.87
N LEU A 197 -7.65 -20.07 11.16
CA LEU A 197 -8.87 -19.35 10.79
C LEU A 197 -9.14 -18.48 12.01
N HIS A 198 -9.44 -17.18 11.87
CA HIS A 198 -9.70 -16.47 13.13
C HIS A 198 -11.09 -15.86 13.38
N ALA A 199 -11.70 -16.37 14.46
CA ALA A 199 -13.05 -16.10 15.00
C ALA A 199 -13.34 -14.64 15.25
N PRO A 200 -14.05 -14.03 14.28
CA PRO A 200 -14.34 -12.62 14.46
C PRO A 200 -15.41 -12.21 15.43
N HIS A 201 -14.91 -11.34 16.27
CA HIS A 201 -15.56 -10.61 17.33
C HIS A 201 -16.68 -9.79 16.68
N ALA A 202 -17.83 -9.62 17.32
CA ALA A 202 -18.87 -8.79 16.70
C ALA A 202 -18.50 -7.32 16.92
N GLU A 203 -18.52 -6.52 15.85
CA GLU A 203 -18.17 -5.09 15.90
C GLU A 203 -19.35 -4.20 16.29
N GLN A 204 -19.16 -2.89 16.20
CA GLN A 204 -20.22 -1.95 16.56
C GLN A 204 -20.11 -0.62 15.85
N LEU A 205 -21.26 -0.03 15.54
CA LEU A 205 -21.31 1.26 14.88
C LEU A 205 -22.03 2.23 15.79
N GLU A 206 -21.29 3.11 16.45
CA GLU A 206 -21.98 4.02 17.32
C GLU A 206 -22.96 4.69 16.36
N GLY A 207 -24.23 4.75 16.74
CA GLY A 207 -25.21 5.38 15.88
C GLY A 207 -26.17 4.44 15.18
N PHE A 208 -25.84 3.14 15.17
CA PHE A 208 -26.71 2.18 14.51
C PHE A 208 -27.16 0.97 15.35
N THR A 209 -27.95 0.12 14.70
CA THR A 209 -28.48 -1.06 15.34
C THR A 209 -28.43 -2.26 14.43
N LEU A 210 -27.71 -3.27 14.91
CA LEU A 210 -27.53 -4.49 14.18
C LEU A 210 -28.92 -5.09 14.10
N GLN A 211 -29.50 -5.05 12.92
CA GLN A 211 -30.84 -5.51 12.72
C GLN A 211 -30.90 -6.86 12.11
N GLN A 212 -29.75 -7.34 11.71
CA GLN A 212 -29.70 -8.66 11.10
C GLN A 212 -28.25 -8.96 10.80
N SER A 213 -27.85 -10.19 11.05
CA SER A 213 -26.47 -10.61 10.82
C SER A 213 -26.58 -11.96 10.18
N ALA A 214 -25.94 -12.17 9.03
CA ALA A 214 -26.04 -13.48 8.42
C ALA A 214 -24.68 -13.99 8.03
N GLU A 215 -24.68 -15.21 7.50
CA GLU A 215 -23.48 -15.85 7.02
C GLU A 215 -23.89 -16.49 5.71
N LEU A 216 -23.01 -16.44 4.73
CA LEU A 216 -23.26 -17.05 3.43
C LEU A 216 -22.04 -17.85 3.03
N CYS A 217 -22.13 -19.17 3.13
CA CYS A 217 -21.05 -20.11 2.77
C CYS A 217 -21.49 -21.08 1.68
N TYR A 218 -20.64 -21.28 0.69
CA TYR A 218 -20.91 -22.18 -0.41
C TYR A 218 -19.61 -22.56 -1.12
N PRO A 219 -19.60 -23.76 -1.73
CA PRO A 219 -18.50 -24.36 -2.47
C PRO A 219 -18.47 -24.01 -3.95
N ARG A 221 -16.52 -24.94 -7.65
CA ARG A 221 -15.77 -25.90 -8.42
C ARG A 221 -14.98 -25.05 -9.41
N LEU A 222 -13.74 -24.74 -9.04
CA LEU A 222 -12.86 -23.92 -9.86
C LEU A 222 -12.05 -24.72 -10.86
N ARG A 223 -11.87 -24.14 -12.02
CA ARG A 223 -11.11 -24.77 -13.07
C ARG A 223 -9.65 -24.39 -12.74
N GLY A 224 -8.69 -25.03 -13.41
CA GLY A 224 -7.29 -24.73 -13.16
C GLY A 224 -7.04 -23.23 -13.12
N ASP A 225 -7.14 -22.61 -14.29
CA ASP A 225 -6.93 -21.18 -14.39
C ASP A 225 -7.65 -20.39 -13.32
N GLU A 226 -8.98 -20.44 -13.35
CA GLU A 226 -9.78 -19.72 -12.37
C GLU A 226 -9.21 -19.76 -10.96
N ALA A 227 -8.72 -20.91 -10.54
CA ALA A 227 -8.15 -21.05 -9.20
C ALA A 227 -6.91 -20.16 -9.12
N VAL A 228 -5.91 -20.49 -9.93
CA VAL A 228 -4.68 -19.73 -9.96
C VAL A 228 -5.02 -18.25 -10.07
N ALA A 229 -5.92 -17.91 -10.97
CA ALA A 229 -6.31 -16.52 -11.10
C ALA A 229 -6.65 -16.00 -9.72
N LEU A 230 -7.53 -16.74 -9.05
CA LEU A 230 -7.99 -16.37 -7.73
C LEU A 230 -6.89 -16.34 -6.67
N LEU A 231 -5.95 -17.27 -6.79
CA LEU A 231 -4.84 -17.33 -5.85
C LEU A 231 -4.00 -16.10 -6.11
N GLN A 232 -3.86 -15.76 -7.38
CA GLN A 232 -3.08 -14.62 -7.81
C GLN A 232 -3.53 -13.33 -7.12
N THR A 234 -4.76 -12.68 -4.07
CA THR A 234 -4.95 -12.78 -2.64
C THR A 234 -3.64 -12.43 -1.97
N PRO A 235 -3.71 -11.80 -0.79
CA PRO A 235 -2.54 -11.37 -0.02
C PRO A 235 -1.36 -12.34 0.05
N PHE A 236 -1.67 -13.63 0.16
CA PHE A 236 -0.63 -14.63 0.28
C PHE A 236 0.04 -15.17 -0.99
N ALA A 237 -0.53 -14.85 -2.14
CA ALA A 237 0.00 -15.30 -3.42
C ALA A 237 1.50 -15.60 -3.50
N TRP A 238 2.31 -14.76 -2.89
CA TRP A 238 3.77 -14.95 -2.94
C TRP A 238 4.40 -16.05 -2.11
N ARG A 239 3.60 -16.72 -1.27
CA ARG A 239 4.10 -17.82 -0.42
C ARG A 239 3.94 -19.11 -1.18
N ALA A 240 3.21 -19.03 -2.28
CA ALA A 240 3.00 -20.19 -3.09
C ALA A 240 4.28 -20.48 -3.84
N LYS A 241 4.92 -21.59 -3.50
CA LYS A 241 6.13 -22.00 -4.18
C LYS A 241 5.67 -22.62 -5.50
N PRO A 242 6.50 -22.53 -6.55
CA PRO A 242 6.19 -23.07 -7.88
C PRO A 242 5.28 -24.30 -7.95
N GLU A 243 5.70 -25.36 -7.28
CA GLU A 243 4.95 -26.61 -7.23
C GLU A 243 3.45 -26.32 -7.10
N VAL A 244 3.12 -25.50 -6.11
CA VAL A 244 1.74 -25.09 -5.88
C VAL A 244 1.13 -24.68 -7.21
N TRP A 245 1.58 -23.56 -7.77
CA TRP A 245 1.05 -23.05 -9.04
C TRP A 245 1.01 -24.08 -10.18
N GLN A 246 2.05 -24.90 -10.28
CA GLN A 246 2.11 -25.92 -11.32
C GLN A 246 0.91 -26.85 -11.24
N THR A 247 0.68 -27.38 -10.04
CA THR A 247 -0.42 -28.30 -9.82
C THR A 247 -1.78 -27.59 -9.87
N LEU A 248 -1.93 -26.58 -9.03
CA LEU A 248 -3.15 -25.80 -8.95
C LEU A 248 -3.65 -25.40 -10.33
N ALA A 249 -2.71 -25.22 -11.25
CA ALA A 249 -3.03 -24.80 -12.60
C ALA A 249 -3.34 -25.96 -13.53
N ALA A 250 -2.76 -27.10 -13.26
CA ALA A 250 -3.02 -28.25 -14.10
C ALA A 250 -4.24 -28.98 -13.53
N LYS A 251 -4.67 -28.54 -12.36
CA LYS A 251 -5.82 -29.17 -11.69
C LYS A 251 -7.08 -29.01 -12.55
N GLU A 252 -7.69 -30.14 -12.87
CA GLU A 252 -8.89 -30.17 -13.70
C GLU A 252 -10.00 -29.35 -13.03
N VAL A 253 -10.20 -29.62 -11.75
CA VAL A 253 -11.21 -28.94 -10.95
C VAL A 253 -10.68 -28.76 -9.53
N PHE A 254 -10.65 -27.51 -9.06
CA PHE A 254 -10.18 -27.27 -7.72
C PHE A 254 -11.42 -26.93 -6.90
N ASP A 255 -11.51 -27.48 -5.69
CA ASP A 255 -12.64 -27.24 -4.80
C ASP A 255 -12.30 -26.26 -3.71
N CYS A 256 -13.05 -25.17 -3.66
CA CYS A 256 -12.85 -24.13 -2.66
C CYS A 256 -14.17 -23.52 -2.20
N GLN A 257 -14.30 -23.45 -0.88
CA GLN A 257 -15.50 -22.92 -0.26
C GLN A 257 -15.32 -21.45 0.02
N THR A 258 -16.45 -20.73 0.09
CA THR A 258 -16.45 -19.30 0.35
C THR A 258 -17.31 -19.03 1.57
N ASP A 259 -16.86 -18.11 2.40
CA ASP A 259 -17.59 -17.80 3.62
C ASP A 259 -17.62 -16.31 3.85
N PHE A 260 -18.75 -15.65 3.55
CA PHE A 260 -18.90 -14.21 3.73
C PHE A 260 -19.74 -13.96 4.95
N ASN A 261 -19.43 -12.89 5.66
CA ASN A 261 -20.16 -12.48 6.86
C ASN A 261 -20.90 -11.13 6.67
N ILE A 262 -22.20 -11.20 6.45
CA ILE A 262 -23.01 -10.01 6.23
C ILE A 262 -23.65 -9.40 7.50
N HIS A 263 -23.77 -8.09 7.51
CA HIS A 263 -24.37 -7.37 8.63
C HIS A 263 -25.36 -6.36 8.09
N LEU A 264 -26.27 -5.93 8.95
CA LEU A 264 -27.29 -4.99 8.53
C LEU A 264 -27.78 -4.12 9.67
N TRP A 265 -27.29 -2.90 9.73
CA TRP A 265 -27.68 -1.97 10.78
C TRP A 265 -28.54 -0.83 10.26
N GLN A 266 -29.31 -0.26 11.19
CA GLN A 266 -30.18 0.86 10.88
C GLN A 266 -29.58 2.08 11.55
N ARG A 267 -29.68 3.22 10.88
CA ARG A 267 -29.20 4.45 11.45
C ARG A 267 -30.33 4.80 12.42
N SER A 268 -29.99 4.90 13.71
CA SER A 268 -30.99 5.21 14.71
C SER A 268 -31.74 6.52 14.43
N TYR A 269 -33.04 6.50 14.72
CA TYR A 269 -33.92 7.65 14.52
C TYR A 269 -33.66 8.77 15.55
N SER B 2 20.11 12.66 19.12
CA SER B 2 20.55 13.56 18.01
C SER B 2 19.36 14.11 17.21
N PHE B 3 18.16 13.63 17.56
CA PHE B 3 16.91 13.98 16.90
C PHE B 3 16.60 15.47 16.82
N SER B 4 15.61 15.78 15.98
CA SER B 4 15.15 17.13 15.74
C SER B 4 13.65 17.17 15.58
N CYS B 5 12.99 17.98 16.43
CA CYS B 5 11.54 18.14 16.54
C CYS B 5 10.75 18.17 15.22
N PRO B 6 9.89 17.15 14.94
CA PRO B 6 9.10 17.17 13.71
C PRO B 6 8.16 18.35 13.80
N LEU B 7 8.30 19.13 14.87
CA LEU B 7 7.44 20.29 15.06
C LEU B 7 8.15 21.66 15.06
N CYS B 8 8.92 21.94 16.10
CA CYS B 8 9.60 23.23 16.18
C CYS B 8 11.00 23.20 15.56
N HIS B 9 11.35 22.06 14.95
CA HIS B 9 12.67 21.85 14.32
C HIS B 9 13.83 22.06 15.28
N GLN B 10 13.58 21.85 16.56
CA GLN B 10 14.58 22.05 17.61
C GLN B 10 15.11 20.73 18.15
N PRO B 11 16.17 20.78 18.97
CA PRO B 11 16.78 19.58 19.55
C PRO B 11 15.76 18.74 20.31
N LEU B 12 16.17 17.54 20.71
CA LEU B 12 15.26 16.68 21.45
C LEU B 12 15.86 16.09 22.72
N SER B 13 15.15 16.31 23.81
CA SER B 13 15.55 15.78 25.10
C SER B 13 15.09 14.32 25.24
N ARG B 14 16.06 13.42 25.39
CA ARG B 14 15.80 12.01 25.54
C ARG B 14 15.60 11.61 27.00
N GLU B 15 14.35 11.56 27.45
CA GLU B 15 14.10 11.20 28.84
C GLU B 15 13.27 9.93 29.06
N LYS B 16 14.03 8.86 29.27
CA LYS B 16 13.54 7.50 29.50
C LYS B 16 12.96 6.83 28.27
N ASN B 17 11.75 7.20 27.85
CA ASN B 17 11.15 6.55 26.69
C ASN B 17 10.35 7.49 25.79
N SER B 18 10.86 8.69 25.59
CA SER B 18 10.21 9.66 24.70
C SER B 18 11.12 10.86 24.47
N TYR B 19 10.72 11.74 23.56
CA TYR B 19 11.52 12.92 23.29
C TYR B 19 10.63 14.16 23.17
N ILE B 20 11.17 15.29 23.64
CA ILE B 20 10.49 16.57 23.60
C ILE B 20 11.50 17.72 23.70
N CYS B 21 10.98 18.86 23.30
CA CYS B 21 11.70 20.09 23.27
C CYS B 21 11.02 21.10 24.13
N PRO B 22 11.58 22.33 24.18
CA PRO B 22 10.96 23.38 24.98
C PRO B 22 9.69 23.84 24.24
N GLN B 23 8.67 22.97 24.13
CA GLN B 23 7.42 23.29 23.38
C GLN B 23 6.18 22.42 23.73
N ARG B 24 6.34 21.46 24.64
CA ARG B 24 5.24 20.59 25.06
C ARG B 24 4.68 19.80 23.88
N HIS B 25 5.63 19.38 23.04
CA HIS B 25 5.37 18.59 21.84
C HIS B 25 5.60 17.08 22.17
N GLN B 26 4.52 16.31 22.06
CA GLN B 26 4.53 14.89 22.42
C GLN B 26 4.91 13.84 21.36
N PHE B 27 6.04 13.18 21.63
CA PHE B 27 6.57 12.09 20.81
C PHE B 27 7.16 11.00 21.71
N ASP B 28 6.44 9.90 21.87
CA ASP B 28 6.88 8.82 22.77
C ASP B 28 7.49 7.58 22.12
N ALA B 30 7.51 3.52 21.50
CA ALA B 30 6.65 2.35 21.54
C ALA B 30 7.30 1.19 22.28
N LYS B 31 6.52 0.13 22.49
CA LYS B 31 6.96 -1.06 23.20
C LYS B 31 8.10 -1.77 22.48
N GLU B 32 8.21 -1.60 21.17
CA GLU B 32 9.26 -2.29 20.42
C GLU B 32 10.61 -1.56 20.43
N GLY B 33 10.60 -0.28 20.78
CA GLY B 33 11.87 0.44 20.83
C GLY B 33 12.10 1.47 19.77
N TYR B 34 11.15 1.58 18.84
CA TYR B 34 11.29 2.56 17.76
C TYR B 34 10.63 3.85 18.18
N VAL B 35 10.93 4.95 17.51
CA VAL B 35 10.30 6.21 17.85
C VAL B 35 9.50 6.73 16.66
N ASN B 36 8.29 7.24 16.89
CA ASN B 36 7.51 7.79 15.79
C ASN B 36 7.50 9.32 15.83
N LEU B 37 8.10 9.92 14.81
CA LEU B 37 8.15 11.36 14.69
C LEU B 37 7.33 11.73 13.46
N LEU B 38 6.29 10.95 13.22
CA LEU B 38 5.40 11.17 12.09
C LEU B 38 4.18 11.97 12.57
N PRO B 39 4.05 13.22 12.09
CA PRO B 39 2.94 14.10 12.47
C PRO B 39 1.55 13.45 12.37
N ASP B 50 1.88 -0.50 -0.46
CA ASP B 50 2.48 -1.58 0.31
C ASP B 50 1.51 -2.16 1.37
N SER B 51 1.88 -3.25 2.04
CA SER B 51 1.06 -3.91 3.06
C SER B 51 2.01 -4.54 4.08
N ALA B 52 1.61 -5.66 4.67
CA ALA B 52 2.46 -6.33 5.63
C ALA B 52 2.94 -7.57 4.91
N GLU B 53 2.09 -8.13 4.04
CA GLU B 53 2.45 -9.32 3.28
C GLU B 53 3.66 -9.04 2.40
N GLN B 56 6.79 -8.30 4.43
CA GLN B 56 7.18 -9.67 4.70
C GLN B 56 7.82 -10.38 3.51
N ALA B 57 7.18 -10.28 2.33
CA ALA B 57 7.67 -10.92 1.11
C ALA B 57 9.02 -10.34 0.69
N ARG B 58 9.23 -9.07 1.00
CA ARG B 58 10.46 -8.39 0.72
C ARG B 58 11.53 -8.97 1.62
N ARG B 59 11.23 -9.05 2.92
CA ARG B 59 12.19 -9.57 3.92
C ARG B 59 12.54 -11.03 3.61
N ALA B 60 11.56 -11.76 3.08
CA ALA B 60 11.78 -13.15 2.73
C ALA B 60 12.89 -13.16 1.69
N PHE B 61 12.69 -12.37 0.65
CA PHE B 61 13.65 -12.26 -0.44
C PHE B 61 15.02 -11.76 -0.01
N LEU B 62 15.03 -10.70 0.78
CA LEU B 62 16.29 -10.13 1.24
C LEU B 62 17.06 -11.07 2.14
N ASP B 63 16.36 -11.79 3.00
CA ASP B 63 17.06 -12.69 3.88
C ASP B 63 17.60 -13.91 3.16
N ALA B 64 16.97 -14.29 2.04
CA ALA B 64 17.45 -15.43 1.23
C ALA B 64 18.88 -15.14 0.75
N GLY B 65 19.37 -13.95 1.13
CA GLY B 65 20.72 -13.50 0.81
C GLY B 65 21.11 -13.15 -0.62
N HIS B 66 20.18 -12.69 -1.45
CA HIS B 66 20.50 -12.35 -2.84
C HIS B 66 21.04 -10.97 -3.02
N TYR B 67 20.88 -10.13 -1.99
CA TYR B 67 21.40 -8.79 -2.08
C TYR B 67 22.46 -8.59 -1.05
N GLN B 68 22.91 -9.71 -0.51
CA GLN B 68 23.98 -9.72 0.45
C GLN B 68 25.17 -8.96 -0.17
N PRO B 69 25.61 -9.33 -1.38
CA PRO B 69 26.75 -8.59 -1.95
C PRO B 69 26.62 -7.09 -1.73
N LEU B 70 25.50 -6.52 -2.16
CA LEU B 70 25.26 -5.09 -2.02
C LEU B 70 25.48 -4.65 -0.60
N ARG B 71 24.89 -5.36 0.35
CA ARG B 71 25.06 -4.99 1.74
C ARG B 71 26.54 -5.12 2.11
N ASP B 72 27.18 -6.17 1.61
CA ASP B 72 28.59 -6.43 1.87
C ASP B 72 29.49 -5.25 1.47
N ALA B 73 29.32 -4.80 0.23
CA ALA B 73 30.12 -3.70 -0.29
C ALA B 73 29.88 -2.40 0.47
N ILE B 74 28.63 -2.08 0.74
CA ILE B 74 28.37 -0.85 1.46
C ILE B 74 29.03 -0.89 2.82
N VAL B 75 29.02 -2.05 3.45
CA VAL B 75 29.62 -2.16 4.76
C VAL B 75 31.09 -1.80 4.64
N ALA B 76 31.71 -2.32 3.58
CA ALA B 76 33.12 -2.07 3.33
C ALA B 76 33.34 -0.55 3.36
N GLN B 77 32.65 0.13 2.44
CA GLN B 77 32.77 1.58 2.33
C GLN B 77 32.82 2.20 3.71
N LEU B 78 31.83 1.85 4.52
CA LEU B 78 31.79 2.37 5.85
C LEU B 78 33.02 2.01 6.67
N ARG B 79 33.31 0.73 6.83
CA ARG B 79 34.47 0.37 7.62
C ARG B 79 35.72 1.13 7.14
N GLU B 80 35.78 1.34 5.84
CA GLU B 80 36.91 2.02 5.25
C GLU B 80 37.02 3.51 5.43
N ARG B 81 35.89 4.21 5.47
CA ARG B 81 35.89 5.67 5.56
C ARG B 81 35.76 6.33 6.95
N LEU B 82 34.86 5.80 7.78
CA LEU B 82 34.70 6.39 9.10
C LEU B 82 35.94 6.06 9.93
N ASP B 83 36.26 6.96 10.86
CA ASP B 83 37.41 6.83 11.73
C ASP B 83 37.06 6.53 13.18
N ASP B 84 38.00 6.82 14.07
CA ASP B 84 37.83 6.60 15.50
C ASP B 84 36.84 7.59 16.08
N LYS B 85 36.79 8.77 15.50
CA LYS B 85 35.91 9.80 15.99
C LYS B 85 34.47 9.71 15.54
N ALA B 86 34.15 8.78 14.65
CA ALA B 86 32.76 8.66 14.20
C ALA B 86 31.84 8.45 15.41
N THR B 87 30.57 8.84 15.26
CA THR B 87 29.60 8.69 16.35
C THR B 87 28.21 8.26 15.88
N ALA B 88 27.72 8.89 14.82
CA ALA B 88 26.39 8.61 14.28
C ALA B 88 26.35 8.16 12.81
N VAL B 89 25.31 7.42 12.45
CA VAL B 89 25.19 6.91 11.08
C VAL B 89 23.73 6.62 10.71
N LEU B 90 23.05 7.58 10.11
CA LEU B 90 21.66 7.36 9.73
C LEU B 90 21.50 6.59 8.41
N ASP B 91 20.49 5.72 8.39
CA ASP B 91 20.19 4.94 7.18
C ASP B 91 18.81 5.38 6.66
N ILE B 92 18.74 5.95 5.46
CA ILE B 92 17.48 6.41 4.91
C ILE B 92 16.77 5.28 4.19
N GLY B 93 15.47 5.14 4.48
CA GLY B 93 14.63 4.13 3.86
C GLY B 93 14.92 2.75 4.40
N CYS B 94 15.41 2.72 5.63
CA CYS B 94 15.83 1.49 6.31
C CYS B 94 14.85 0.34 6.32
N GLY B 95 13.63 0.54 5.84
CA GLY B 95 12.64 -0.53 5.83
C GLY B 95 12.63 -1.40 7.09
N GLU B 96 12.83 -2.72 6.96
CA GLU B 96 12.82 -3.59 8.12
C GLU B 96 14.19 -4.00 8.67
N GLY B 97 15.18 -3.15 8.43
CA GLY B 97 16.51 -3.38 8.97
C GLY B 97 17.48 -4.36 8.33
N TYR B 98 17.11 -4.94 7.19
CA TYR B 98 17.99 -5.90 6.55
C TYR B 98 19.45 -5.46 6.32
N TYR B 99 19.67 -4.18 6.02
CA TYR B 99 21.03 -3.68 5.79
C TYR B 99 21.51 -2.89 7.00
N THR B 100 20.67 -2.01 7.52
CA THR B 100 21.03 -1.18 8.66
C THR B 100 21.78 -1.92 9.75
N HIS B 101 21.14 -2.94 10.32
CA HIS B 101 21.75 -3.69 11.40
C HIS B 101 23.14 -4.17 11.02
N ALA B 102 23.32 -4.73 9.83
CA ALA B 102 24.63 -5.20 9.36
C ALA B 102 25.68 -4.10 9.56
N PHE B 103 25.27 -2.84 9.34
CA PHE B 103 26.14 -1.67 9.50
C PHE B 103 26.37 -1.48 10.99
N ALA B 104 25.25 -1.41 11.70
CA ALA B 104 25.27 -1.24 13.13
C ALA B 104 26.33 -2.11 13.76
N ASP B 105 26.34 -3.41 13.41
CA ASP B 105 27.34 -4.34 13.96
C ASP B 105 28.68 -3.79 13.56
N ALA B 106 28.96 -3.85 12.26
CA ALA B 106 30.21 -3.37 11.70
C ALA B 106 30.75 -2.13 12.41
N LEU B 107 29.86 -1.22 12.78
CA LEU B 107 30.21 0.03 13.48
C LEU B 107 29.71 -0.02 14.95
N PRO B 108 30.38 -0.82 15.79
CA PRO B 108 30.02 -0.99 17.19
C PRO B 108 30.27 0.22 18.06
N GLU B 109 31.05 1.17 17.58
CA GLU B 109 31.33 2.32 18.40
C GLU B 109 30.42 3.49 18.15
N ILE B 110 29.86 3.56 16.95
CA ILE B 110 28.95 4.65 16.60
C ILE B 110 27.52 4.21 16.85
N THR B 111 26.59 5.15 16.79
CA THR B 111 25.18 4.83 16.94
C THR B 111 24.60 4.70 15.54
N THR B 112 23.85 3.64 15.31
CA THR B 112 23.30 3.41 13.99
C THR B 112 21.80 3.70 13.99
N PHE B 113 21.40 4.78 13.34
CA PHE B 113 19.99 5.10 13.28
C PHE B 113 19.38 4.56 11.99
N GLY B 114 18.14 4.12 12.08
CA GLY B 114 17.47 3.59 10.91
C GLY B 114 16.13 4.28 10.84
N LEU B 115 15.81 4.82 9.67
CA LEU B 115 14.56 5.52 9.47
C LEU B 115 13.79 5.02 8.24
N ASP B 116 12.47 5.16 8.31
CA ASP B 116 11.56 4.80 7.23
C ASP B 116 10.18 5.35 7.54
N VAL B 117 9.30 5.40 6.54
CA VAL B 117 7.94 5.91 6.73
C VAL B 117 6.97 4.75 6.86
N SER B 118 7.47 3.57 7.18
CA SER B 118 6.63 2.38 7.27
C SER B 118 6.60 1.68 8.64
N LYS B 119 5.70 2.13 9.51
CA LYS B 119 5.51 1.56 10.85
C LYS B 119 5.59 0.02 10.84
N VAL B 120 4.72 -0.62 10.07
CA VAL B 120 4.69 -2.07 9.98
C VAL B 120 6.11 -2.57 9.77
N ALA B 121 6.80 -1.95 8.82
CA ALA B 121 8.18 -2.31 8.51
C ALA B 121 9.13 -1.90 9.63
N ILE B 122 9.09 -0.64 10.07
CA ILE B 122 9.96 -0.18 11.14
C ILE B 122 9.78 -1.11 12.33
N LYS B 123 8.54 -1.23 12.83
CA LYS B 123 8.27 -2.10 13.98
C LYS B 123 8.92 -3.49 13.89
N ALA B 124 8.80 -4.13 12.73
CA ALA B 124 9.38 -5.44 12.50
C ALA B 124 10.85 -5.44 12.88
N ALA B 125 11.57 -4.44 12.38
CA ALA B 125 13.02 -4.29 12.59
C ALA B 125 13.30 -3.86 14.01
N ALA B 126 12.53 -2.90 14.49
CA ALA B 126 12.69 -2.40 15.85
C ALA B 126 12.74 -3.62 16.77
N LYS B 127 11.85 -4.57 16.49
CA LYS B 127 11.74 -5.77 17.29
C LYS B 127 12.81 -6.83 16.99
N ARG B 128 13.24 -6.91 15.73
CA ARG B 128 14.25 -7.91 15.33
C ARG B 128 15.69 -7.47 15.46
N TYR B 129 15.95 -6.19 15.25
CA TYR B 129 17.31 -5.66 15.34
C TYR B 129 17.41 -4.60 16.45
N PRO B 130 17.82 -5.02 17.64
CA PRO B 130 17.98 -4.21 18.85
C PRO B 130 19.18 -3.27 18.87
N GLN B 131 20.22 -3.59 18.09
CA GLN B 131 21.43 -2.75 18.04
C GLN B 131 21.28 -1.61 17.04
N VAL B 132 20.06 -1.15 16.83
CA VAL B 132 19.79 -0.06 15.89
C VAL B 132 18.62 0.81 16.39
N THR B 133 18.89 2.05 16.76
CA THR B 133 17.83 2.93 17.18
C THR B 133 16.98 3.26 15.97
N PHE B 134 15.77 2.70 15.88
CA PHE B 134 14.89 2.95 14.74
C PHE B 134 13.84 4.01 15.02
N CYS B 135 13.35 4.67 13.97
CA CYS B 135 12.31 5.66 14.14
C CYS B 135 11.50 5.77 12.85
N VAL B 136 10.26 6.22 12.96
CA VAL B 136 9.37 6.37 11.82
C VAL B 136 9.15 7.86 11.55
N ALA B 137 9.38 8.26 10.30
CA ALA B 137 9.23 9.64 9.84
C ALA B 137 9.40 9.69 8.32
N SER B 138 9.29 10.89 7.75
CA SER B 138 9.42 11.09 6.29
C SER B 138 10.86 11.40 5.93
N SER B 139 11.19 11.20 4.66
CA SER B 139 12.55 11.49 4.18
C SER B 139 12.57 12.97 3.79
N HIS B 140 11.37 13.53 3.67
CA HIS B 140 11.19 14.94 3.30
C HIS B 140 12.04 15.85 4.17
N ARG B 141 11.97 15.67 5.48
CA ARG B 141 12.75 16.51 6.36
C ARG B 141 13.33 15.61 7.41
N LEU B 142 14.62 15.35 7.29
CA LEU B 142 15.27 14.49 8.25
C LEU B 142 15.08 14.94 9.69
N PRO B 143 14.57 14.02 10.55
CA PRO B 143 14.28 14.15 11.98
C PRO B 143 15.48 14.42 12.84
N PHE B 144 16.58 14.84 12.23
CA PHE B 144 17.77 15.10 13.04
C PHE B 144 18.26 16.53 12.99
N SER B 145 19.08 16.88 13.98
CA SER B 145 19.66 18.22 14.03
C SER B 145 20.75 18.38 12.98
N ASP B 146 21.07 19.63 12.66
CA ASP B 146 22.11 19.92 11.66
C ASP B 146 23.45 19.28 11.96
N THR B 147 24.11 18.82 10.90
CA THR B 147 25.43 18.20 11.00
C THR B 147 25.62 17.30 12.20
N SER B 148 24.82 16.26 12.29
CA SER B 148 24.91 15.32 13.40
C SER B 148 25.45 13.98 12.94
N ASP B 150 27.58 11.16 10.73
CA ASP B 150 28.93 11.07 10.18
C ASP B 150 28.90 10.39 8.83
N ALA B 151 27.79 9.71 8.56
CA ALA B 151 27.61 9.03 7.31
C ALA B 151 26.15 8.79 7.21
N ILE B 152 25.62 8.88 6.01
CA ILE B 152 24.21 8.63 5.80
C ILE B 152 24.15 7.63 4.68
N ILE B 153 23.53 6.49 4.89
CA ILE B 153 23.47 5.50 3.80
C ILE B 153 22.16 5.76 3.11
N ARG B 154 22.10 5.60 1.79
CA ARG B 154 20.86 5.90 1.10
C ARG B 154 20.52 4.92 -0.01
N ILE B 155 20.37 3.66 0.35
CA ILE B 155 20.03 2.66 -0.65
C ILE B 155 18.62 2.88 -1.19
N TYR B 156 18.49 3.18 -2.47
CA TYR B 156 17.18 3.38 -3.13
C TYR B 156 16.18 4.23 -2.40
N ALA B 157 16.62 5.25 -1.70
CA ALA B 157 15.66 6.07 -1.01
C ALA B 157 15.75 7.44 -1.63
N PRO B 158 14.70 8.24 -1.49
CA PRO B 158 14.75 9.57 -2.06
C PRO B 158 15.18 10.51 -0.92
N CYS B 159 15.77 11.65 -1.28
CA CYS B 159 16.16 12.63 -0.28
C CYS B 159 16.84 13.85 -0.87
N LYS B 160 16.20 15.00 -0.76
CA LYS B 160 16.76 16.23 -1.30
C LYS B 160 18.19 16.42 -0.77
N ALA B 161 19.12 16.65 -1.69
CA ALA B 161 20.55 16.85 -1.42
C ALA B 161 20.80 17.91 -0.35
N GLU B 162 19.79 18.73 -0.09
CA GLU B 162 19.95 19.77 0.91
C GLU B 162 19.91 19.14 2.29
N GLU B 163 18.89 18.32 2.56
CA GLU B 163 18.82 17.70 3.85
C GLU B 163 20.09 16.90 4.07
N LEU B 164 20.56 16.30 2.97
CA LEU B 164 21.79 15.49 2.96
C LEU B 164 22.94 16.31 3.49
N ALA B 165 23.10 17.49 2.91
CA ALA B 165 24.16 18.39 3.28
C ALA B 165 24.00 18.98 4.68
N ARG B 166 22.75 19.28 5.05
CA ARG B 166 22.49 19.87 6.35
C ARG B 166 22.77 18.97 7.54
N VAL B 167 22.27 17.74 7.47
CA VAL B 167 22.44 16.78 8.55
C VAL B 167 23.82 16.13 8.62
N VAL B 168 24.62 16.25 7.56
CA VAL B 168 25.92 15.62 7.54
C VAL B 168 27.07 16.43 8.05
N LYS B 169 27.77 15.88 9.03
CA LYS B 169 28.93 16.56 9.59
C LYS B 169 29.81 16.88 8.41
N PRO B 170 30.51 18.01 8.45
CA PRO B 170 31.37 18.35 7.31
C PRO B 170 32.39 17.22 7.14
N GLY B 171 32.82 16.97 5.91
CA GLY B 171 33.79 15.91 5.66
C GLY B 171 33.15 14.57 5.95
N GLY B 172 31.83 14.60 6.10
CA GLY B 172 31.08 13.38 6.38
C GLY B 172 30.80 12.59 5.12
N TRP B 173 30.02 11.53 5.24
CA TRP B 173 29.77 10.71 4.07
C TRP B 173 28.34 10.37 3.73
N VAL B 174 28.16 10.10 2.45
CA VAL B 174 26.87 9.69 1.95
C VAL B 174 27.12 8.55 1.00
N ILE B 175 26.46 7.43 1.22
CA ILE B 175 26.64 6.32 0.33
C ILE B 175 25.28 6.06 -0.26
N THR B 176 25.20 6.03 -1.58
CA THR B 176 23.92 5.80 -2.21
C THR B 176 24.03 4.52 -3.00
N ALA B 177 22.89 3.90 -3.29
CA ALA B 177 22.88 2.69 -4.07
C ALA B 177 21.66 2.73 -4.94
N THR B 178 21.84 2.80 -6.24
CA THR B 178 20.72 2.87 -7.15
C THR B 178 20.90 1.92 -8.33
N PRO B 179 19.79 1.48 -8.94
CA PRO B 179 19.85 0.58 -10.09
C PRO B 179 20.60 1.15 -11.28
N GLY B 180 21.46 0.33 -11.85
CA GLY B 180 22.24 0.72 -13.01
C GLY B 180 21.47 0.35 -14.26
N PRO B 181 22.05 0.63 -15.42
CA PRO B 181 21.46 0.35 -16.72
C PRO B 181 20.91 -1.04 -16.91
N ARG B 182 21.64 -2.04 -16.44
CA ARG B 182 21.23 -3.45 -16.64
C ARG B 182 20.44 -4.11 -15.54
N HIS B 183 20.27 -3.39 -14.44
CA HIS B 183 19.56 -3.95 -13.30
C HIS B 183 18.28 -4.73 -13.61
N LEU B 184 18.25 -6.00 -13.25
CA LEU B 184 17.09 -6.81 -13.51
C LEU B 184 16.62 -6.88 -14.98
N GLU B 186 16.46 -8.89 -17.58
CA GLU B 186 15.64 -10.05 -17.84
C GLU B 186 14.23 -9.95 -17.26
N LEU B 187 14.11 -9.36 -16.07
CA LEU B 187 12.80 -9.18 -15.44
C LEU B 187 11.99 -8.31 -16.35
N LYS B 188 12.40 -7.06 -16.46
CA LYS B 188 11.65 -6.16 -17.29
C LYS B 188 11.62 -6.64 -18.72
N GLY B 189 12.44 -7.63 -19.03
CA GLY B 189 12.44 -8.11 -20.40
C GLY B 189 11.19 -8.93 -20.62
N LEU B 190 10.63 -9.40 -19.51
CA LEU B 190 9.41 -10.21 -19.49
C LEU B 190 8.16 -9.40 -19.74
N ILE B 191 8.23 -8.14 -19.31
CA ILE B 191 7.10 -7.23 -19.42
C ILE B 191 7.43 -6.03 -20.28
N TYR B 192 8.17 -6.23 -21.38
CA TYR B 192 8.49 -5.12 -22.26
C TYR B 192 8.63 -5.48 -23.72
N ASN B 193 7.77 -4.83 -24.50
CA ASN B 193 7.70 -4.96 -25.96
C ASN B 193 9.10 -4.70 -26.52
N GLU B 194 9.64 -3.55 -26.13
CA GLU B 194 10.96 -3.09 -26.53
C GLU B 194 11.88 -3.17 -25.32
N VAL B 195 13.09 -3.68 -25.53
CA VAL B 195 14.09 -3.85 -24.49
C VAL B 195 15.01 -2.63 -24.30
N HIS B 196 14.49 -1.42 -24.53
CA HIS B 196 15.30 -0.22 -24.39
C HIS B 196 15.00 0.61 -23.13
N LEU B 197 16.04 0.77 -22.33
CA LEU B 197 16.07 1.56 -21.10
C LEU B 197 17.51 2.07 -21.01
N HIS B 198 17.75 3.19 -21.70
CA HIS B 198 19.05 3.86 -21.83
C HIS B 198 19.66 4.53 -20.57
N ALA B 199 20.89 5.04 -20.74
CA ALA B 199 21.76 5.63 -19.72
C ALA B 199 21.16 6.49 -18.64
N PRO B 200 21.00 5.92 -17.41
CA PRO B 200 20.42 6.63 -16.24
C PRO B 200 21.45 7.72 -15.97
N HIS B 201 21.16 9.02 -16.05
CA HIS B 201 22.32 9.90 -15.85
C HIS B 201 22.37 10.92 -14.73
N ALA B 202 23.62 11.20 -14.32
CA ALA B 202 24.06 12.13 -13.31
C ALA B 202 23.27 12.30 -12.03
N GLU B 203 23.55 11.45 -11.06
CA GLU B 203 22.96 11.63 -9.75
C GLU B 203 24.00 12.63 -9.24
N GLN B 204 23.59 13.83 -8.84
CA GLN B 204 24.56 14.81 -8.37
C GLN B 204 24.10 15.30 -7.03
N LEU B 205 25.03 15.70 -6.17
CA LEU B 205 24.69 16.20 -4.83
C LEU B 205 25.34 17.54 -4.52
N GLU B 206 24.61 18.62 -4.75
CA GLU B 206 25.15 19.92 -4.47
C GLU B 206 25.59 19.94 -3.02
N GLY B 207 26.78 20.49 -2.78
CA GLY B 207 27.30 20.53 -1.42
C GLY B 207 28.22 19.37 -1.09
N PHE B 208 28.26 18.41 -2.02
CA PHE B 208 29.09 17.22 -1.86
C PHE B 208 29.98 17.02 -3.07
N THR B 209 31.10 16.35 -2.84
CA THR B 209 32.08 16.03 -3.86
C THR B 209 32.26 14.51 -3.93
N LEU B 210 31.90 13.93 -5.09
CA LEU B 210 31.99 12.48 -5.30
C LEU B 210 33.41 11.99 -5.10
N GLN B 211 33.60 11.06 -4.15
CA GLN B 211 34.92 10.49 -3.84
C GLN B 211 35.15 9.10 -4.45
N GLN B 212 34.08 8.35 -4.70
CA GLN B 212 34.20 7.03 -5.33
C GLN B 212 32.89 6.59 -5.94
N SER B 213 33.00 5.92 -7.08
CA SER B 213 31.85 5.42 -7.80
C SER B 213 32.20 3.98 -8.16
N ALA B 214 31.26 3.07 -7.95
CA ALA B 214 31.48 1.65 -8.26
C ALA B 214 30.23 1.05 -8.85
N GLU B 215 30.40 -0.02 -9.60
CA GLU B 215 29.26 -0.70 -10.17
C GLU B 215 29.42 -2.07 -9.57
N LEU B 216 28.32 -2.79 -9.43
CA LEU B 216 28.40 -4.11 -8.84
C LEU B 216 27.34 -4.93 -9.54
N CYS B 217 27.76 -5.77 -10.49
CA CYS B 217 26.85 -6.60 -11.25
C CYS B 217 27.10 -8.08 -11.13
N TYR B 218 26.11 -8.85 -10.69
CA TYR B 218 26.30 -10.28 -10.60
C TYR B 218 25.01 -10.95 -10.92
N PRO B 219 25.07 -12.12 -11.55
CA PRO B 219 23.88 -12.88 -11.92
C PRO B 219 23.23 -13.56 -10.73
N ARG B 221 20.15 -16.64 -9.49
CA ARG B 221 19.38 -17.82 -9.84
C ARG B 221 18.22 -17.84 -8.87
N LEU B 222 17.10 -17.25 -9.30
CA LEU B 222 15.91 -17.16 -8.46
C LEU B 222 14.89 -18.28 -8.69
N ARG B 223 14.08 -18.51 -7.67
CA ARG B 223 13.04 -19.52 -7.72
C ARG B 223 11.80 -18.72 -8.07
N GLY B 224 10.87 -19.31 -8.82
CA GLY B 224 9.67 -18.59 -9.20
C GLY B 224 9.08 -17.56 -8.23
N ASP B 225 8.92 -17.94 -6.97
CA ASP B 225 8.37 -17.04 -5.96
C ASP B 225 9.32 -15.91 -5.62
N GLU B 226 10.62 -16.21 -5.54
CA GLU B 226 11.63 -15.21 -5.25
C GLU B 226 11.53 -14.14 -6.34
N ALA B 227 11.54 -14.57 -7.61
CA ALA B 227 11.42 -13.66 -8.75
C ALA B 227 10.19 -12.77 -8.57
N VAL B 228 9.08 -13.41 -8.24
CA VAL B 228 7.82 -12.71 -8.03
C VAL B 228 7.91 -11.64 -6.94
N ALA B 229 8.59 -11.96 -5.84
CA ALA B 229 8.75 -11.03 -4.73
C ALA B 229 9.65 -9.88 -5.15
N LEU B 230 10.70 -10.19 -5.88
CA LEU B 230 11.61 -9.16 -6.37
C LEU B 230 10.83 -8.18 -7.26
N LEU B 231 10.02 -8.73 -8.16
CA LEU B 231 9.20 -7.93 -9.07
C LEU B 231 8.22 -7.07 -8.26
N GLN B 232 7.89 -7.55 -7.06
CA GLN B 232 6.99 -6.84 -6.16
C GLN B 232 7.72 -5.68 -5.52
N THR B 234 9.95 -4.04 -7.45
CA THR B 234 10.28 -3.23 -8.62
C THR B 234 9.21 -2.25 -9.07
N PRO B 235 9.67 -1.05 -9.47
CA PRO B 235 8.88 0.08 -9.95
C PRO B 235 8.03 -0.27 -11.16
N PHE B 236 8.54 -1.11 -12.07
CA PHE B 236 7.76 -1.47 -13.26
C PHE B 236 6.69 -2.56 -13.08
N ALA B 237 6.65 -3.14 -11.88
CA ALA B 237 5.70 -4.19 -11.56
C ALA B 237 4.29 -3.92 -12.10
N TRP B 238 3.74 -2.75 -11.81
CA TRP B 238 2.38 -2.43 -12.26
C TRP B 238 2.09 -2.78 -13.71
N ARG B 239 3.13 -2.97 -14.51
CA ARG B 239 2.94 -3.30 -15.92
C ARG B 239 2.74 -4.78 -16.17
N ALA B 240 3.35 -5.59 -15.32
CA ALA B 240 3.28 -7.03 -15.47
C ALA B 240 1.87 -7.55 -15.65
N LYS B 241 1.65 -8.28 -16.74
CA LYS B 241 0.33 -8.86 -17.03
C LYS B 241 0.11 -10.02 -16.06
N PRO B 242 -1.14 -10.51 -15.94
CA PRO B 242 -1.41 -11.62 -15.03
C PRO B 242 -0.65 -12.87 -15.50
N GLU B 243 -0.82 -13.22 -16.78
CA GLU B 243 -0.13 -14.36 -17.38
C GLU B 243 1.36 -14.32 -17.08
N VAL B 244 1.92 -13.12 -17.00
CA VAL B 244 3.33 -12.98 -16.68
C VAL B 244 3.61 -13.28 -15.22
N TRP B 245 2.68 -12.87 -14.35
CA TRP B 245 2.83 -13.14 -12.92
C TRP B 245 2.69 -14.61 -12.61
N GLN B 246 1.67 -15.24 -13.22
CA GLN B 246 1.42 -16.66 -13.00
C GLN B 246 2.62 -17.44 -13.53
N THR B 247 3.04 -17.12 -14.76
CA THR B 247 4.14 -17.84 -15.37
C THR B 247 5.41 -17.79 -14.56
N LEU B 248 5.94 -16.58 -14.34
CA LEU B 248 7.17 -16.41 -13.57
C LEU B 248 7.09 -17.18 -12.25
N ALA B 249 5.93 -17.15 -11.60
CA ALA B 249 5.71 -17.85 -10.32
C ALA B 249 5.83 -19.36 -10.44
N ALA B 250 5.41 -19.88 -11.58
CA ALA B 250 5.46 -21.32 -11.83
C ALA B 250 6.88 -21.79 -12.10
N LYS B 251 7.70 -20.95 -12.75
CA LYS B 251 9.09 -21.32 -13.07
C LYS B 251 9.84 -21.70 -11.81
N GLU B 252 10.44 -22.89 -11.83
CA GLU B 252 11.17 -23.38 -10.67
C GLU B 252 12.49 -22.68 -10.51
N VAL B 253 12.98 -22.13 -11.60
CA VAL B 253 14.26 -21.42 -11.56
C VAL B 253 14.34 -20.34 -12.62
N PHE B 254 14.42 -19.10 -12.19
CA PHE B 254 14.47 -17.97 -13.10
C PHE B 254 15.79 -17.24 -12.89
N ASP B 255 16.49 -16.93 -13.99
CA ASP B 255 17.81 -16.27 -13.95
C ASP B 255 17.76 -14.81 -14.35
N CYS B 256 18.38 -13.95 -13.56
CA CYS B 256 18.42 -12.53 -13.89
C CYS B 256 19.62 -11.87 -13.21
N GLN B 257 20.15 -10.81 -13.82
CA GLN B 257 21.30 -10.15 -13.25
C GLN B 257 20.97 -8.94 -12.38
N THR B 258 21.98 -8.44 -11.69
CA THR B 258 21.81 -7.30 -10.83
C THR B 258 22.84 -6.31 -11.29
N ASP B 259 22.46 -5.05 -11.20
CA ASP B 259 23.32 -3.96 -11.60
C ASP B 259 23.13 -2.87 -10.56
N PHE B 260 24.12 -2.72 -9.69
CA PHE B 260 24.01 -1.73 -8.61
C PHE B 260 25.03 -0.62 -8.74
N ASN B 261 24.60 0.62 -8.77
CA ASN B 261 25.55 1.74 -8.83
C ASN B 261 25.76 2.25 -7.38
N ILE B 262 27.00 2.42 -6.97
CA ILE B 262 27.25 2.88 -5.62
C ILE B 262 28.14 4.12 -5.56
N HIS B 263 27.66 5.18 -4.92
CA HIS B 263 28.43 6.41 -4.85
C HIS B 263 28.84 6.77 -3.46
N LEU B 264 30.08 7.20 -3.30
CA LEU B 264 30.59 7.59 -1.99
C LEU B 264 30.79 9.06 -2.08
N TRP B 265 29.88 9.82 -1.49
CA TRP B 265 29.98 11.27 -1.55
C TRP B 265 30.57 11.85 -0.27
N GLN B 266 31.46 12.83 -0.42
CA GLN B 266 32.02 13.43 0.78
C GLN B 266 31.54 14.86 0.94
N ARG B 267 31.23 15.21 2.18
CA ARG B 267 30.73 16.52 2.51
C ARG B 267 31.84 17.55 2.58
N SER B 268 31.70 18.64 1.83
CA SER B 268 32.71 19.72 1.82
C SER B 268 32.94 20.32 3.23
N TYR B 269 34.17 20.72 3.54
CA TYR B 269 34.47 21.28 4.86
C TYR B 269 34.07 22.76 4.99
#